data_4AQ4
#
_entry.id   4AQ4
#
_cell.length_a   49.346
_cell.length_b   49.346
_cell.length_c   406.894
_cell.angle_alpha   90.00
_cell.angle_beta   90.00
_cell.angle_gamma   90.00
#
_symmetry.space_group_name_H-M   'P 43 21 2'
#
loop_
_entity.id
_entity.type
_entity.pdbx_description
1 polymer 'SN-GLYCEROL-3-PHOSPHATE-BINDING PERIPLASMIC PROTEIN UGPB'
2 non-polymer SN-GLYCEROL-3-PHOSPHATE
3 non-polymer GLYCEROL
4 non-polymer 'CADMIUM ION'
5 non-polymer 'COBALT (II) ION'
6 non-polymer 'MAGNESIUM ION'
7 water water
#
_entity_poly.entity_id   1
_entity_poly.type   'polypeptide(L)'
_entity_poly.pdbx_seq_one_letter_code
;GSHMVTTIPFWHSMEGELGKEVDSLAQRFNAENPDYKIVPTYKGNYEQNLSAGIAAFRTGNAPAILQVYEVGTATMMASK
AIKPVYDVFKEAGIQFDESQFVPTVSGYYSDSKTGHLLSQPFNSSTPVLYYNKDAFKKAGLDPEQPPKTWQDLADYAAKL
KASGMKCGYASGWQGWIQLENFSAWNGLPFASKNNGFDGTDAVLEFNKPEQVKHIAMLEEMNKKGDFSYVGRKDESTEKF
YNGDCAMTTASSGSLANIREYAKFNYGVGMMPYDADAKDAPQNAIIGGASLWVMQGKDKETYTGVAKFLDFLAKPENAAE
WHQKTGYLPITKAAYDLTREQGFYEKNPGADTATRQMLNKPPLPFTKGLRLGNMPQIRVIVDEELESVWTGKKTPQQALD
TAVERGNQLLRRFEKSTKS
;
_entity_poly.pdbx_strand_id   A
#
loop_
_chem_comp.id
_chem_comp.type
_chem_comp.name
_chem_comp.formula
CD non-polymer 'CADMIUM ION' 'Cd 2'
CO non-polymer 'COBALT (II) ION' 'Co 2'
G3P non-polymer SN-GLYCEROL-3-PHOSPHATE 'C3 H9 O6 P'
GOL non-polymer GLYCEROL 'C3 H8 O3'
MG non-polymer 'MAGNESIUM ION' 'Mg 2'
#
# COMPACT_ATOMS: atom_id res chain seq x y z
N GLY A 1 5.65 -36.80 18.79
CA GLY A 1 4.21 -36.85 18.60
C GLY A 1 3.44 -35.59 18.95
N SER A 2 4.10 -34.70 19.69
CA SER A 2 3.57 -33.39 20.12
C SER A 2 4.54 -32.60 21.00
N HIS A 3 5.72 -33.15 21.26
CA HIS A 3 6.66 -32.54 22.18
C HIS A 3 7.48 -31.44 21.53
N MET A 4 7.49 -31.42 20.20
CA MET A 4 8.27 -30.38 19.52
C MET A 4 7.46 -29.14 19.21
N VAL A 5 8.07 -27.97 19.46
CA VAL A 5 7.43 -26.70 19.15
C VAL A 5 7.25 -26.59 17.65
N THR A 6 6.12 -26.07 17.21
CA THR A 6 5.89 -25.90 15.79
C THR A 6 6.42 -24.54 15.33
N THR A 7 7.48 -24.57 14.53
CA THR A 7 8.09 -23.34 14.01
C THR A 7 7.39 -22.93 12.72
N ILE A 8 6.99 -21.67 12.68
CA ILE A 8 6.19 -21.13 11.57
C ILE A 8 6.84 -19.90 10.96
N PRO A 9 7.53 -20.07 9.81
CA PRO A 9 8.21 -18.96 9.13
C PRO A 9 7.21 -17.96 8.56
N PHE A 10 7.50 -16.68 8.75
CA PHE A 10 6.66 -15.57 8.28
C PHE A 10 7.61 -14.64 7.52
N TRP A 11 7.50 -14.61 6.20
CA TRP A 11 8.37 -13.76 5.39
C TRP A 11 7.69 -12.44 5.07
N HIS A 12 8.36 -11.33 5.36
CA HIS A 12 7.71 -10.03 5.22
C HIS A 12 8.63 -8.96 4.65
N SER A 13 8.07 -7.79 4.37
CA SER A 13 8.78 -6.68 3.78
C SER A 13 8.71 -5.43 4.66
N MET A 14 8.46 -5.64 5.95
CA MET A 14 8.34 -4.51 6.88
C MET A 14 9.72 -4.06 7.38
N GLU A 15 10.17 -2.92 6.86
CA GLU A 15 11.53 -2.43 7.15
C GLU A 15 11.52 -1.50 8.35
N GLY A 16 12.67 -1.37 9.01
CA GLY A 16 12.84 -0.38 10.06
C GLY A 16 11.87 -0.54 11.21
N GLU A 17 11.19 0.56 11.56
CA GLU A 17 10.28 0.56 12.70
C GLU A 17 9.09 -0.36 12.46
N LEU A 18 8.72 -0.53 11.19
CA LEU A 18 7.63 -1.46 10.87
C LEU A 18 8.01 -2.88 11.24
N GLY A 19 9.24 -3.27 10.90
CA GLY A 19 9.71 -4.61 11.21
C GLY A 19 9.88 -4.85 12.69
N LYS A 20 10.27 -3.81 13.42
CA LYS A 20 10.37 -3.94 14.88
C LYS A 20 9.01 -4.19 15.51
N GLU A 21 7.95 -3.60 14.95
CA GLU A 21 6.61 -3.83 15.44
C GLU A 21 6.09 -5.22 15.07
N VAL A 22 6.40 -5.71 13.87
CA VAL A 22 6.11 -7.12 13.53
C VAL A 22 6.78 -8.06 14.54
N ASP A 23 8.04 -7.79 14.88
CA ASP A 23 8.74 -8.66 15.83
C ASP A 23 8.09 -8.62 17.21
N SER A 24 7.62 -7.45 17.62
CA SER A 24 7.00 -7.30 18.93
C SER A 24 5.69 -8.11 19.01
N LEU A 25 4.90 -8.04 17.94
CA LEU A 25 3.66 -8.82 17.85
C LEU A 25 3.95 -10.33 17.84
N ALA A 26 4.92 -10.76 17.03
CA ALA A 26 5.28 -12.19 17.01
C ALA A 26 5.75 -12.67 18.38
N GLN A 27 6.60 -11.88 19.03
CA GLN A 27 7.13 -12.25 20.35
C GLN A 27 6.02 -12.40 21.40
N ARG A 28 5.06 -11.48 21.40
N ARG A 28 5.06 -11.48 21.40
CA ARG A 28 3.93 -11.57 22.32
CA ARG A 28 3.93 -11.58 22.32
C ARG A 28 3.06 -12.79 22.04
C ARG A 28 3.06 -12.79 22.04
N PHE A 29 2.77 -13.04 20.76
CA PHE A 29 2.00 -14.22 20.39
C PHE A 29 2.74 -15.47 20.85
N ASN A 30 4.04 -15.53 20.60
CA ASN A 30 4.83 -16.72 20.96
C ASN A 30 4.83 -16.97 22.46
N ALA A 31 4.86 -15.90 23.24
CA ALA A 31 4.86 -15.99 24.69
C ALA A 31 3.52 -16.52 25.21
N GLU A 32 2.44 -16.13 24.56
CA GLU A 32 1.10 -16.55 24.95
C GLU A 32 0.73 -17.93 24.41
N ASN A 33 1.44 -18.37 23.37
CA ASN A 33 1.16 -19.65 22.72
C ASN A 33 2.41 -20.47 22.50
N PRO A 34 2.98 -21.02 23.59
CA PRO A 34 4.32 -21.61 23.51
C PRO A 34 4.41 -22.91 22.73
N ASP A 35 3.29 -23.43 22.24
CA ASP A 35 3.34 -24.59 21.34
C ASP A 35 3.83 -24.20 19.97
N TYR A 36 3.80 -22.90 19.68
CA TYR A 36 4.19 -22.38 18.37
C TYR A 36 5.30 -21.37 18.49
N LYS A 37 6.02 -21.19 17.39
CA LYS A 37 7.00 -20.12 17.32
C LYS A 37 6.91 -19.47 15.94
N ILE A 38 6.30 -18.30 15.90
CA ILE A 38 6.32 -17.50 14.68
C ILE A 38 7.72 -16.91 14.51
N VAL A 39 8.31 -17.11 13.34
CA VAL A 39 9.65 -16.60 13.07
C VAL A 39 9.60 -15.63 11.92
N PRO A 40 9.50 -14.33 12.23
CA PRO A 40 9.47 -13.36 11.13
C PRO A 40 10.85 -13.22 10.52
N THR A 41 10.91 -13.07 9.20
CA THR A 41 12.16 -12.76 8.51
C THR A 41 11.89 -11.67 7.48
N TYR A 42 12.69 -10.62 7.53
CA TYR A 42 12.64 -9.58 6.50
C TYR A 42 13.33 -10.06 5.23
N LYS A 43 12.60 -10.12 4.12
CA LYS A 43 13.16 -10.66 2.87
C LYS A 43 13.43 -9.58 1.80
N GLY A 44 13.32 -8.32 2.18
CA GLY A 44 13.57 -7.24 1.21
C GLY A 44 12.31 -6.47 0.92
N ASN A 45 12.30 -5.69 -0.15
CA ASN A 45 11.11 -4.95 -0.52
C ASN A 45 10.02 -5.90 -1.03
N TYR A 46 8.83 -5.38 -1.28
CA TYR A 46 7.70 -6.25 -1.63
C TYR A 46 7.98 -7.13 -2.87
N GLU A 47 8.72 -6.60 -3.84
CA GLU A 47 9.00 -7.34 -5.07
C GLU A 47 9.93 -8.49 -4.74
N GLN A 48 10.93 -8.20 -3.93
CA GLN A 48 11.90 -9.21 -3.54
C GLN A 48 11.27 -10.30 -2.67
N ASN A 49 10.34 -9.93 -1.80
CA ASN A 49 9.68 -10.92 -0.94
C ASN A 49 8.78 -11.82 -1.77
N LEU A 50 8.03 -11.23 -2.69
CA LEU A 50 7.14 -12.02 -3.53
C LEU A 50 7.93 -12.99 -4.42
N SER A 51 9.00 -12.50 -5.03
CA SER A 51 9.87 -13.35 -5.85
C SER A 51 10.46 -14.49 -5.03
N ALA A 52 10.94 -14.18 -3.83
CA ALA A 52 11.51 -15.20 -2.95
C ALA A 52 10.50 -16.25 -2.53
N GLY A 53 9.28 -15.81 -2.24
CA GLY A 53 8.22 -16.73 -1.82
C GLY A 53 7.86 -17.69 -2.93
N ILE A 54 7.66 -17.16 -4.13
CA ILE A 54 7.32 -17.98 -5.28
C ILE A 54 8.43 -19.00 -5.61
N ALA A 55 9.68 -18.55 -5.59
CA ALA A 55 10.81 -19.44 -5.85
C ALA A 55 10.89 -20.54 -4.80
N ALA A 56 10.68 -20.19 -3.54
CA ALA A 56 10.80 -21.17 -2.46
C ALA A 56 9.69 -22.21 -2.59
N PHE A 57 8.52 -21.80 -3.08
CA PHE A 57 7.46 -22.77 -3.25
C PHE A 57 7.83 -23.84 -4.27
N ARG A 58 8.56 -23.45 -5.31
CA ARG A 58 8.99 -24.40 -6.35
C ARG A 58 9.82 -25.55 -5.77
N THR A 59 10.50 -25.29 -4.66
CA THR A 59 11.42 -26.26 -4.06
C THR A 59 10.92 -26.79 -2.71
N GLY A 60 9.67 -26.50 -2.39
CA GLY A 60 9.02 -27.07 -1.21
C GLY A 60 9.44 -26.48 0.13
N ASN A 61 10.10 -25.32 0.10
CA ASN A 61 10.53 -24.65 1.33
C ASN A 61 10.02 -23.22 1.44
N ALA A 62 8.80 -23.00 0.96
CA ALA A 62 8.12 -21.72 1.14
C ALA A 62 7.81 -21.51 2.63
N PRO A 63 7.72 -20.24 3.06
CA PRO A 63 7.34 -19.99 4.47
C PRO A 63 5.90 -20.39 4.67
N ALA A 64 5.41 -20.35 5.90
CA ALA A 64 4.01 -20.67 6.14
C ALA A 64 3.15 -19.46 5.83
N ILE A 65 3.70 -18.27 6.09
CA ILE A 65 3.00 -17.01 5.86
C ILE A 65 3.86 -16.09 5.02
N LEU A 66 3.25 -15.51 3.99
CA LEU A 66 3.98 -14.63 3.07
C LEU A 66 3.24 -13.31 2.90
N GLN A 67 3.91 -12.21 3.24
CA GLN A 67 3.30 -10.88 3.02
C GLN A 67 3.45 -10.45 1.58
N VAL A 68 2.33 -10.28 0.87
CA VAL A 68 2.37 -9.90 -0.55
C VAL A 68 1.64 -8.59 -0.75
N TYR A 69 2.28 -7.63 -1.41
CA TYR A 69 1.65 -6.33 -1.62
C TYR A 69 0.35 -6.43 -2.39
N GLU A 70 -0.43 -5.36 -2.29
CA GLU A 70 -1.81 -5.35 -2.79
C GLU A 70 -1.87 -5.72 -4.27
N VAL A 71 -0.88 -5.27 -5.04
CA VAL A 71 -0.93 -5.49 -6.48
C VAL A 71 -0.67 -6.96 -6.86
N GLY A 72 -0.11 -7.73 -5.94
CA GLY A 72 0.16 -9.13 -6.20
C GLY A 72 -1.05 -10.02 -5.97
N THR A 73 -2.17 -9.42 -5.56
CA THR A 73 -3.35 -10.17 -5.14
C THR A 73 -3.92 -11.11 -6.22
N ALA A 74 -4.19 -10.58 -7.41
CA ALA A 74 -4.78 -11.41 -8.47
C ALA A 74 -3.85 -12.57 -8.85
N THR A 75 -2.56 -12.29 -8.88
CA THR A 75 -1.54 -13.30 -9.16
C THR A 75 -1.54 -14.40 -8.10
N MET A 76 -1.61 -14.01 -6.84
CA MET A 76 -1.64 -14.99 -5.75
C MET A 76 -2.96 -15.77 -5.77
N MET A 77 -4.06 -15.09 -6.10
CA MET A 77 -5.38 -15.72 -6.09
C MET A 77 -5.48 -16.85 -7.10
N ALA A 78 -4.77 -16.71 -8.20
CA ALA A 78 -4.78 -17.72 -9.24
C ALA A 78 -3.65 -18.72 -9.00
N SER A 79 -2.86 -18.47 -7.96
CA SER A 79 -1.73 -19.34 -7.65
C SER A 79 -2.19 -20.67 -7.07
N LYS A 80 -1.50 -21.73 -7.44
CA LYS A 80 -1.75 -23.02 -6.82
C LYS A 80 -0.87 -23.17 -5.58
N ALA A 81 -0.23 -22.08 -5.18
CA ALA A 81 0.75 -22.15 -4.10
C ALA A 81 0.18 -21.77 -2.74
N ILE A 82 -1.08 -21.31 -2.72
CA ILE A 82 -1.67 -20.81 -1.49
C ILE A 82 -2.87 -21.62 -1.01
N LYS A 83 -3.08 -21.61 0.30
CA LYS A 83 -4.29 -22.13 0.91
C LYS A 83 -5.10 -20.91 1.32
N PRO A 84 -6.30 -20.75 0.73
CA PRO A 84 -7.09 -19.56 1.05
C PRO A 84 -7.31 -19.44 2.55
N VAL A 85 -7.15 -18.24 3.10
CA VAL A 85 -7.20 -18.09 4.56
CA VAL A 85 -7.20 -18.08 4.56
C VAL A 85 -8.51 -18.60 5.18
N TYR A 86 -9.64 -18.39 4.51
CA TYR A 86 -10.89 -18.90 5.08
C TYR A 86 -10.83 -20.43 5.23
N ASP A 87 -10.11 -21.09 4.33
CA ASP A 87 -10.01 -22.54 4.34
C ASP A 87 -9.02 -23.02 5.40
N VAL A 88 -8.01 -22.19 5.67
CA VAL A 88 -7.07 -22.46 6.74
C VAL A 88 -7.86 -22.55 8.04
N PHE A 89 -8.68 -21.54 8.30
CA PHE A 89 -9.52 -21.55 9.49
C PHE A 89 -10.52 -22.71 9.50
N LYS A 90 -11.23 -22.90 8.38
CA LYS A 90 -12.22 -23.97 8.27
C LYS A 90 -11.61 -25.33 8.60
N GLU A 91 -10.51 -25.67 7.93
CA GLU A 91 -9.91 -27.00 8.11
C GLU A 91 -9.28 -27.18 9.49
N ALA A 92 -8.83 -26.10 10.10
CA ALA A 92 -8.25 -26.17 11.44
C ALA A 92 -9.34 -26.18 12.51
N GLY A 93 -10.59 -25.97 12.11
CA GLY A 93 -11.71 -26.00 13.04
C GLY A 93 -11.76 -24.80 13.96
N ILE A 94 -11.31 -23.66 13.45
CA ILE A 94 -11.29 -22.43 14.23
C ILE A 94 -12.21 -21.42 13.57
N GLN A 95 -13.07 -20.80 14.35
CA GLN A 95 -14.04 -19.86 13.79
C GLN A 95 -13.36 -18.55 13.44
N PHE A 96 -13.81 -17.90 12.37
CA PHE A 96 -13.36 -16.55 12.12
C PHE A 96 -14.44 -15.72 11.45
N ASP A 97 -14.71 -14.58 12.06
CA ASP A 97 -15.76 -13.68 11.61
C ASP A 97 -15.15 -12.68 10.64
N GLU A 98 -15.37 -12.91 9.34
CA GLU A 98 -14.81 -12.06 8.30
C GLU A 98 -15.42 -10.67 8.31
N SER A 99 -16.63 -10.56 8.89
CA SER A 99 -17.32 -9.29 8.92
C SER A 99 -16.65 -8.26 9.85
N GLN A 100 -15.69 -8.71 10.64
CA GLN A 100 -14.90 -7.82 11.51
C GLN A 100 -14.13 -6.78 10.72
N PHE A 101 -13.66 -7.16 9.53
CA PHE A 101 -12.83 -6.23 8.75
C PHE A 101 -13.66 -5.14 8.13
N VAL A 102 -13.05 -3.97 7.95
CA VAL A 102 -13.71 -2.88 7.27
C VAL A 102 -14.02 -3.35 5.84
N PRO A 103 -15.25 -3.08 5.38
CA PRO A 103 -15.75 -3.64 4.11
C PRO A 103 -14.85 -3.32 2.91
N THR A 104 -14.25 -2.13 2.85
CA THR A 104 -13.38 -1.79 1.72
C THR A 104 -12.24 -2.79 1.64
N VAL A 105 -11.71 -3.14 2.80
CA VAL A 105 -10.55 -4.02 2.85
C VAL A 105 -10.94 -5.48 2.67
N SER A 106 -12.02 -5.93 3.31
CA SER A 106 -12.42 -7.31 3.11
C SER A 106 -12.86 -7.58 1.66
N GLY A 107 -13.58 -6.64 1.04
CA GLY A 107 -13.92 -6.76 -0.36
C GLY A 107 -12.69 -6.92 -1.25
N TYR A 108 -11.69 -6.09 -1.00
CA TYR A 108 -10.46 -6.08 -1.80
C TYR A 108 -9.82 -7.47 -1.83
N TYR A 109 -9.84 -8.17 -0.70
CA TYR A 109 -9.14 -9.45 -0.60
C TYR A 109 -10.04 -10.67 -0.62
N SER A 110 -11.29 -10.49 -1.05
CA SER A 110 -12.23 -11.61 -1.07
C SER A 110 -12.44 -12.22 -2.45
N ASP A 111 -12.70 -13.52 -2.44
CA ASP A 111 -13.02 -14.27 -3.65
C ASP A 111 -14.32 -13.76 -4.28
N SER A 112 -14.34 -13.66 -5.60
CA SER A 112 -15.51 -13.16 -6.31
C SER A 112 -16.72 -14.08 -6.15
N LYS A 113 -16.49 -15.39 -6.20
CA LYS A 113 -17.59 -16.35 -6.18
C LYS A 113 -18.17 -16.59 -4.79
N THR A 114 -17.29 -16.83 -3.81
CA THR A 114 -17.71 -17.23 -2.47
C THR A 114 -17.91 -16.06 -1.52
N GLY A 115 -17.25 -14.94 -1.78
CA GLY A 115 -17.26 -13.82 -0.87
C GLY A 115 -16.25 -13.96 0.25
N HIS A 116 -15.52 -15.07 0.27
CA HIS A 116 -14.58 -15.33 1.36
C HIS A 116 -13.19 -14.77 1.19
N LEU A 117 -12.53 -14.47 2.31
CA LEU A 117 -11.15 -14.00 2.27
C LEU A 117 -10.20 -15.07 1.76
N LEU A 118 -9.37 -14.71 0.77
CA LEU A 118 -8.36 -15.63 0.25
C LEU A 118 -7.02 -15.35 0.92
N SER A 119 -6.85 -14.11 1.38
CA SER A 119 -5.68 -13.76 2.18
C SER A 119 -6.16 -12.91 3.33
N GLN A 120 -5.31 -12.76 4.35
CA GLN A 120 -5.71 -12.03 5.54
C GLN A 120 -5.26 -10.57 5.50
N PRO A 121 -6.21 -9.63 5.62
CA PRO A 121 -5.84 -8.22 5.73
C PRO A 121 -4.92 -8.00 6.94
N PHE A 122 -3.98 -7.07 6.82
CA PHE A 122 -3.07 -6.77 7.93
C PHE A 122 -2.60 -5.32 7.89
N ASN A 123 -1.85 -4.97 6.84
CA ASN A 123 -1.35 -3.62 6.67
C ASN A 123 -1.91 -2.97 5.41
N SER A 124 -2.93 -2.14 5.57
CA SER A 124 -3.47 -1.38 4.44
C SER A 124 -3.17 0.10 4.64
N SER A 125 -2.92 0.80 3.54
CA SER A 125 -2.57 2.21 3.60
C SER A 125 -3.36 2.99 2.56
N THR A 126 -3.32 4.31 2.65
CA THR A 126 -3.56 5.15 1.48
C THR A 126 -2.39 6.14 1.43
N PRO A 127 -2.14 6.75 0.25
CA PRO A 127 -1.02 7.69 0.20
C PRO A 127 -1.40 8.99 0.89
N VAL A 128 -0.48 9.58 1.63
CA VAL A 128 -0.75 10.88 2.25
C VAL A 128 0.36 11.86 1.90
N LEU A 129 0.15 13.14 2.19
CA LEU A 129 1.19 14.13 1.99
C LEU A 129 1.86 14.49 3.31
N TYR A 130 3.14 14.13 3.44
CA TYR A 130 3.93 14.60 4.57
C TYR A 130 4.58 15.92 4.19
N TYR A 131 4.59 16.87 5.12
CA TYR A 131 5.25 18.14 4.83
C TYR A 131 6.01 18.67 6.04
N ASN A 132 7.09 19.39 5.77
CA ASN A 132 7.95 19.94 6.81
C ASN A 132 7.43 21.32 7.22
N LYS A 133 6.75 21.39 8.36
CA LYS A 133 6.15 22.65 8.82
C LYS A 133 7.18 23.73 9.05
N ASP A 134 8.37 23.34 9.52
CA ASP A 134 9.42 24.31 9.78
C ASP A 134 9.90 24.93 8.48
N ALA A 135 10.11 24.09 7.47
CA ALA A 135 10.50 24.55 6.14
C ALA A 135 9.42 25.45 5.53
N PHE A 136 8.15 25.10 5.73
CA PHE A 136 7.04 25.94 5.31
C PHE A 136 7.18 27.35 5.89
N LYS A 137 7.43 27.42 7.20
CA LYS A 137 7.59 28.70 7.90
C LYS A 137 8.57 29.62 7.17
N LYS A 138 9.81 29.15 7.00
CA LYS A 138 10.86 30.00 6.44
C LYS A 138 10.72 30.22 4.93
N ALA A 139 9.70 29.60 4.32
CA ALA A 139 9.39 29.88 2.92
C ALA A 139 8.16 30.77 2.83
N GLY A 140 7.64 31.15 3.99
CA GLY A 140 6.53 32.10 4.07
C GLY A 140 5.16 31.48 3.94
N LEU A 141 5.08 30.16 4.09
CA LEU A 141 3.81 29.45 3.97
C LEU A 141 3.18 29.21 5.34
N ASP A 142 1.85 29.14 5.38
CA ASP A 142 1.14 28.77 6.60
C ASP A 142 1.42 27.30 6.86
N PRO A 143 2.08 27.00 8.00
CA PRO A 143 2.53 25.65 8.30
C PRO A 143 1.39 24.70 8.67
N GLU A 144 0.18 25.25 8.80
CA GLU A 144 -0.97 24.40 9.09
C GLU A 144 -1.85 24.22 7.84
N GLN A 145 -1.36 24.66 6.69
CA GLN A 145 -2.14 24.54 5.45
C GLN A 145 -1.37 23.85 4.32
N PRO A 146 -1.36 22.51 4.31
CA PRO A 146 -0.75 21.79 3.19
C PRO A 146 -1.52 22.07 1.91
N PRO A 147 -0.86 21.94 0.75
CA PRO A 147 -1.53 22.23 -0.52
C PRO A 147 -2.65 21.24 -0.81
N LYS A 148 -3.83 21.75 -1.14
CA LYS A 148 -4.98 20.88 -1.37
C LYS A 148 -5.00 20.36 -2.82
N THR A 149 -4.45 21.14 -3.74
CA THR A 149 -4.47 20.80 -5.15
C THR A 149 -3.06 20.64 -5.71
N TRP A 150 -2.94 19.95 -6.83
CA TRP A 150 -1.63 19.79 -7.45
C TRP A 150 -1.05 21.13 -7.86
N GLN A 151 -1.92 22.02 -8.32
CA GLN A 151 -1.56 23.38 -8.67
C GLN A 151 -0.93 24.10 -7.47
N ASP A 152 -1.58 24.00 -6.30
CA ASP A 152 -1.01 24.58 -5.08
C ASP A 152 0.32 23.93 -4.71
N LEU A 153 0.39 22.61 -4.86
CA LEU A 153 1.62 21.89 -4.51
C LEU A 153 2.81 22.37 -5.34
N ALA A 154 2.60 22.50 -6.65
CA ALA A 154 3.64 23.01 -7.54
C ALA A 154 4.08 24.41 -7.13
N ASP A 155 3.12 25.25 -6.76
CA ASP A 155 3.44 26.60 -6.30
C ASP A 155 4.28 26.56 -5.03
N TYR A 156 3.84 25.77 -4.04
CA TYR A 156 4.56 25.66 -2.78
C TYR A 156 5.96 25.10 -2.99
N ALA A 157 6.07 24.10 -3.86
CA ALA A 157 7.34 23.44 -4.13
C ALA A 157 8.38 24.44 -4.65
N ALA A 158 7.94 25.35 -5.51
CA ALA A 158 8.80 26.40 -6.03
C ALA A 158 9.29 27.33 -4.91
N LYS A 159 8.37 27.72 -4.02
CA LYS A 159 8.72 28.61 -2.92
C LYS A 159 9.65 27.93 -1.93
N LEU A 160 9.45 26.65 -1.70
CA LEU A 160 10.28 25.91 -0.77
C LEU A 160 11.71 25.78 -1.32
N LYS A 161 11.80 25.50 -2.61
CA LYS A 161 13.09 25.43 -3.29
C LYS A 161 13.83 26.77 -3.28
N ALA A 162 13.09 27.84 -3.52
CA ALA A 162 13.67 29.18 -3.48
C ALA A 162 14.19 29.52 -2.08
N SER A 163 13.52 28.99 -1.06
CA SER A 163 13.88 29.30 0.32
C SER A 163 15.11 28.52 0.79
N GLY A 164 15.63 27.62 -0.05
CA GLY A 164 16.85 26.91 0.26
C GLY A 164 16.76 25.41 0.51
N MET A 165 15.57 24.84 0.37
CA MET A 165 15.42 23.39 0.54
C MET A 165 16.10 22.66 -0.62
N LYS A 166 16.71 21.51 -0.33
CA LYS A 166 17.40 20.75 -1.37
C LYS A 166 16.41 20.19 -2.40
N CYS A 167 15.21 19.86 -1.93
CA CYS A 167 14.18 19.28 -2.78
C CYS A 167 12.83 19.82 -2.37
N GLY A 168 12.00 20.22 -3.35
CA GLY A 168 10.68 20.76 -3.04
C GLY A 168 9.64 19.67 -2.85
N TYR A 169 9.63 18.70 -3.75
CA TYR A 169 8.63 17.63 -3.72
C TYR A 169 9.22 16.36 -4.31
N ALA A 170 8.91 15.23 -3.67
CA ALA A 170 9.28 13.91 -4.20
C ALA A 170 8.17 12.94 -3.84
N SER A 171 8.07 11.82 -4.55
CA SER A 171 6.99 10.88 -4.28
C SER A 171 7.50 9.46 -4.08
N GLY A 172 6.89 8.74 -3.15
CA GLY A 172 7.14 7.33 -3.03
C GLY A 172 6.25 6.63 -4.06
N TRP A 173 6.54 5.36 -4.35
CA TRP A 173 5.65 4.48 -5.13
C TRP A 173 4.88 5.20 -6.23
N GLN A 174 5.60 5.74 -7.21
CA GLN A 174 4.99 6.64 -8.18
C GLN A 174 3.81 6.02 -8.94
N GLY A 175 3.87 4.71 -9.20
CA GLY A 175 2.78 4.06 -9.92
C GLY A 175 1.52 4.09 -9.08
N TRP A 176 1.66 3.74 -7.80
CA TRP A 176 0.56 3.67 -6.85
C TRP A 176 -0.04 5.04 -6.61
N ILE A 177 0.82 6.04 -6.47
CA ILE A 177 0.35 7.38 -6.11
C ILE A 177 0.00 8.24 -7.31
N GLN A 178 0.88 8.29 -8.31
CA GLN A 178 0.69 9.21 -9.41
C GLN A 178 -0.20 8.69 -10.53
N LEU A 179 -0.56 7.40 -10.49
CA LEU A 179 -1.46 6.86 -11.51
C LEU A 179 -2.65 6.07 -10.94
N GLU A 180 -2.38 5.08 -10.09
CA GLU A 180 -3.44 4.25 -9.53
C GLU A 180 -4.33 5.10 -8.63
N ASN A 181 -3.74 5.67 -7.59
CA ASN A 181 -4.50 6.57 -6.73
C ASN A 181 -4.85 7.90 -7.38
N PHE A 182 -4.00 8.42 -8.26
CA PHE A 182 -4.37 9.64 -8.95
C PHE A 182 -5.70 9.41 -9.68
N SER A 183 -5.83 8.25 -10.33
CA SER A 183 -7.06 7.97 -11.08
C SER A 183 -8.28 7.91 -10.17
N ALA A 184 -8.23 7.03 -9.16
CA ALA A 184 -9.35 6.88 -8.21
C ALA A 184 -9.69 8.21 -7.53
N TRP A 185 -8.67 8.90 -7.04
CA TRP A 185 -8.88 10.11 -6.25
C TRP A 185 -9.49 11.22 -7.07
N ASN A 186 -9.26 11.20 -8.38
CA ASN A 186 -9.87 12.20 -9.27
C ASN A 186 -11.02 11.65 -10.11
N GLY A 187 -11.55 10.48 -9.72
CA GLY A 187 -12.79 9.97 -10.27
C GLY A 187 -12.67 9.25 -11.60
N LEU A 188 -11.51 8.64 -11.85
CA LEU A 188 -11.23 7.99 -13.13
C LEU A 188 -10.84 6.52 -12.93
N PRO A 189 -11.11 5.67 -13.94
CA PRO A 189 -10.66 4.27 -13.84
C PRO A 189 -9.18 4.11 -14.19
N PHE A 190 -8.52 3.14 -13.57
CA PHE A 190 -7.15 2.77 -13.93
C PHE A 190 -7.20 1.68 -15.01
N ALA A 191 -8.21 0.83 -14.93
CA ALA A 191 -8.39 -0.25 -15.89
C ALA A 191 -9.88 -0.50 -16.08
N SER A 192 -10.23 -1.18 -17.16
CA SER A 192 -11.63 -1.47 -17.43
C SER A 192 -12.10 -2.63 -16.56
N LYS A 193 -13.33 -3.07 -16.78
CA LYS A 193 -13.95 -4.10 -15.92
C LYS A 193 -13.90 -3.67 -14.47
N ASN A 194 -14.11 -2.37 -14.26
CA ASN A 194 -14.08 -1.77 -12.91
C ASN A 194 -12.77 -2.01 -12.17
N ASN A 195 -11.69 -1.52 -12.77
CA ASN A 195 -10.36 -1.69 -12.22
C ASN A 195 -9.96 -3.15 -12.04
N GLY A 196 -10.53 -4.01 -12.88
CA GLY A 196 -10.11 -5.40 -12.97
C GLY A 196 -10.96 -6.39 -12.19
N PHE A 197 -11.80 -5.89 -11.29
CA PHE A 197 -12.59 -6.79 -10.44
C PHE A 197 -13.56 -7.66 -11.24
N ASP A 198 -14.03 -7.16 -12.38
CA ASP A 198 -15.11 -7.84 -13.09
C ASP A 198 -14.65 -8.83 -14.17
N GLY A 199 -13.35 -9.06 -14.28
CA GLY A 199 -12.87 -10.05 -15.22
C GLY A 199 -11.42 -9.92 -15.65
N THR A 200 -10.88 -11.03 -16.13
CA THR A 200 -9.50 -11.06 -16.59
C THR A 200 -9.36 -10.46 -17.99
N ASP A 201 -10.48 -10.04 -18.56
CA ASP A 201 -10.47 -9.40 -19.88
C ASP A 201 -10.30 -7.88 -19.79
N ALA A 202 -9.84 -7.42 -18.63
CA ALA A 202 -9.57 -6.00 -18.39
C ALA A 202 -8.46 -5.45 -19.29
N VAL A 203 -8.58 -4.17 -19.64
CA VAL A 203 -7.48 -3.47 -20.31
C VAL A 203 -7.12 -2.22 -19.50
N LEU A 204 -5.89 -1.74 -19.64
CA LEU A 204 -5.41 -0.59 -18.88
C LEU A 204 -5.95 0.70 -19.49
N GLU A 205 -6.31 1.67 -18.65
CA GLU A 205 -6.99 2.87 -19.14
C GLU A 205 -6.43 4.18 -18.58
N PHE A 206 -5.21 4.15 -18.05
CA PHE A 206 -4.66 5.31 -17.36
C PHE A 206 -3.92 6.28 -18.28
N ASN A 207 -4.08 6.15 -19.58
CA ASN A 207 -3.40 7.05 -20.51
C ASN A 207 -4.34 8.10 -21.08
N LYS A 208 -5.24 8.60 -20.24
CA LYS A 208 -6.22 9.61 -20.66
C LYS A 208 -5.66 11.01 -20.42
N PRO A 209 -6.30 12.05 -20.99
CA PRO A 209 -5.80 13.42 -20.85
C PRO A 209 -5.51 13.85 -19.41
N GLU A 210 -6.34 13.41 -18.46
CA GLU A 210 -6.15 13.80 -17.07
C GLU A 210 -4.83 13.29 -16.50
N GLN A 211 -4.54 12.01 -16.73
CA GLN A 211 -3.29 11.43 -16.22
C GLN A 211 -2.10 11.99 -16.98
N VAL A 212 -2.24 12.15 -18.29
CA VAL A 212 -1.16 12.69 -19.11
C VAL A 212 -0.80 14.12 -18.66
N LYS A 213 -1.81 14.94 -18.40
CA LYS A 213 -1.58 16.30 -17.90
C LYS A 213 -0.92 16.30 -16.52
N HIS A 214 -1.27 15.31 -15.71
CA HIS A 214 -0.69 15.21 -14.37
C HIS A 214 0.79 14.84 -14.43
N ILE A 215 1.12 13.85 -15.24
CA ILE A 215 2.52 13.48 -15.45
C ILE A 215 3.28 14.64 -16.10
N ALA A 216 2.62 15.39 -16.98
CA ALA A 216 3.27 16.55 -17.59
C ALA A 216 3.63 17.63 -16.54
N MET A 217 2.73 17.80 -15.57
CA MET A 217 2.96 18.77 -14.51
C MET A 217 4.19 18.40 -13.70
N LEU A 218 4.28 17.12 -13.33
CA LEU A 218 5.44 16.61 -12.60
C LEU A 218 6.72 16.77 -13.43
N GLU A 219 6.63 16.54 -14.73
CA GLU A 219 7.82 16.71 -15.57
C GLU A 219 8.26 18.17 -15.67
N GLU A 220 7.29 19.08 -15.77
CA GLU A 220 7.62 20.51 -15.73
C GLU A 220 8.30 20.89 -14.42
N MET A 221 7.80 20.36 -13.30
CA MET A 221 8.41 20.58 -11.99
C MET A 221 9.82 20.01 -11.94
N ASN A 222 9.99 18.83 -12.52
CA ASN A 222 11.30 18.16 -12.55
C ASN A 222 12.33 19.03 -13.24
N LYS A 223 11.93 19.57 -14.40
CA LYS A 223 12.80 20.48 -15.14
C LYS A 223 13.15 21.74 -14.35
N LYS A 224 12.21 22.25 -13.56
CA LYS A 224 12.44 23.44 -12.74
C LYS A 224 13.29 23.14 -11.51
N GLY A 225 13.37 21.86 -11.15
CA GLY A 225 14.09 21.44 -9.95
C GLY A 225 13.17 21.38 -8.74
N ASP A 226 11.87 21.54 -8.97
CA ASP A 226 10.88 21.57 -7.90
C ASP A 226 10.38 20.15 -7.53
N PHE A 227 10.53 19.21 -8.46
CA PHE A 227 10.24 17.79 -8.23
C PHE A 227 11.55 17.01 -8.36
N SER A 228 11.75 16.04 -7.48
CA SER A 228 12.97 15.22 -7.53
C SER A 228 12.56 13.76 -7.67
N TYR A 229 13.12 13.05 -8.64
CA TYR A 229 12.91 11.61 -8.70
C TYR A 229 14.00 10.91 -7.90
N VAL A 230 13.58 10.10 -6.93
CA VAL A 230 14.56 9.44 -6.06
C VAL A 230 14.40 7.92 -6.00
N GLY A 231 13.55 7.38 -6.87
CA GLY A 231 13.37 5.93 -6.91
C GLY A 231 11.92 5.50 -7.01
N ARG A 232 11.73 4.19 -7.10
CA ARG A 232 10.42 3.62 -7.47
C ARG A 232 9.57 3.27 -6.26
N LYS A 233 10.18 3.29 -5.07
CA LYS A 233 9.51 2.74 -3.89
C LYS A 233 9.50 3.72 -2.73
N ASP A 234 10.10 3.36 -1.60
CA ASP A 234 10.03 4.22 -0.41
C ASP A 234 11.23 5.12 -0.20
N GLU A 235 12.04 5.33 -1.23
CA GLU A 235 13.24 6.15 -1.08
C GLU A 235 12.93 7.56 -0.59
N SER A 236 11.80 8.11 -1.00
CA SER A 236 11.45 9.49 -0.64
C SER A 236 11.17 9.66 0.85
N THR A 237 10.87 8.58 1.54
CA THR A 237 10.59 8.67 2.98
C THR A 237 11.82 9.14 3.73
N GLU A 238 12.98 8.55 3.44
CA GLU A 238 14.22 8.99 4.07
C GLU A 238 14.61 10.40 3.63
N LYS A 239 14.38 10.72 2.35
CA LYS A 239 14.70 12.07 1.86
C LYS A 239 13.87 13.11 2.61
N PHE A 240 12.68 12.72 3.05
CA PHE A 240 11.85 13.61 3.86
C PHE A 240 12.34 13.69 5.31
N TYR A 241 12.51 12.55 5.97
CA TYR A 241 12.87 12.63 7.38
C TYR A 241 14.29 13.11 7.66
N ASN A 242 15.18 13.06 6.66
CA ASN A 242 16.52 13.62 6.87
C ASN A 242 16.62 15.13 6.59
N GLY A 243 15.51 15.73 6.17
CA GLY A 243 15.43 17.16 5.97
C GLY A 243 15.69 17.63 4.54
N ASP A 244 15.92 16.70 3.63
CA ASP A 244 16.28 17.08 2.26
C ASP A 244 15.06 17.61 1.52
N CYS A 245 13.95 16.91 1.71
CA CYS A 245 12.76 17.11 0.91
C CYS A 245 11.61 17.70 1.72
N ALA A 246 11.09 18.85 1.28
CA ALA A 246 10.08 19.59 2.04
C ALA A 246 8.70 18.93 2.09
N MET A 247 8.31 18.26 1.01
CA MET A 247 7.01 17.59 0.95
C MET A 247 7.17 16.27 0.24
N THR A 248 6.50 15.22 0.74
CA THR A 248 6.45 13.99 -0.03
C THR A 248 5.09 13.31 0.08
N THR A 249 4.58 12.80 -1.04
CA THR A 249 3.45 11.89 -0.99
C THR A 249 4.03 10.50 -0.81
N ALA A 250 3.60 9.84 0.26
CA ALA A 250 4.13 8.53 0.59
C ALA A 250 3.05 7.73 1.30
N SER A 251 3.31 6.45 1.52
CA SER A 251 2.38 5.60 2.25
C SER A 251 2.08 6.17 3.62
N SER A 252 0.83 6.04 4.05
CA SER A 252 0.50 6.38 5.43
C SER A 252 1.33 5.53 6.40
N GLY A 253 1.74 4.34 5.93
CA GLY A 253 2.59 3.46 6.72
C GLY A 253 4.02 3.93 6.92
N SER A 254 4.39 5.01 6.24
CA SER A 254 5.71 5.62 6.43
C SER A 254 5.82 6.32 7.78
N LEU A 255 4.70 6.47 8.47
CA LEU A 255 4.68 7.25 9.70
C LEU A 255 5.59 6.66 10.77
N ALA A 256 5.66 5.33 10.86
CA ALA A 256 6.53 4.69 11.85
C ALA A 256 7.98 5.21 11.77
N ASN A 257 8.55 5.19 10.57
CA ASN A 257 9.91 5.67 10.39
C ASN A 257 10.02 7.18 10.49
N ILE A 258 9.04 7.89 9.95
CA ILE A 258 9.07 9.34 9.99
C ILE A 258 9.01 9.88 11.43
N ARG A 259 8.10 9.34 12.24
CA ARG A 259 8.00 9.73 13.65
C ARG A 259 9.33 9.49 14.39
N GLU A 260 9.98 8.38 14.08
CA GLU A 260 11.20 7.99 14.79
C GLU A 260 12.40 8.85 14.37
N TYR A 261 12.44 9.23 13.09
CA TYR A 261 13.65 9.88 12.56
C TYR A 261 13.54 11.35 12.15
N ALA A 262 12.34 11.90 12.03
CA ALA A 262 12.23 13.32 11.65
C ALA A 262 12.54 14.23 12.84
N LYS A 263 13.55 15.09 12.68
CA LYS A 263 13.96 15.96 13.78
C LYS A 263 13.48 17.38 13.54
N PHE A 264 12.27 17.48 13.00
CA PHE A 264 11.62 18.75 12.73
C PHE A 264 10.13 18.57 12.93
N ASN A 265 9.39 19.68 12.97
CA ASN A 265 7.94 19.62 13.04
C ASN A 265 7.37 19.25 11.68
N TYR A 266 6.65 18.13 11.61
CA TYR A 266 6.06 17.71 10.35
C TYR A 266 4.54 17.62 10.47
N GLY A 267 3.87 17.73 9.34
CA GLY A 267 2.43 17.55 9.30
C GLY A 267 2.02 16.50 8.29
N VAL A 268 0.75 16.09 8.38
CA VAL A 268 0.21 15.12 7.42
C VAL A 268 -1.04 15.72 6.78
N GLY A 269 -1.07 15.73 5.46
CA GLY A 269 -2.24 16.21 4.74
C GLY A 269 -2.73 15.15 3.77
N MET A 270 -3.88 15.39 3.17
CA MET A 270 -4.38 14.46 2.16
C MET A 270 -3.62 14.60 0.84
N MET A 271 -3.69 13.56 0.02
CA MET A 271 -3.23 13.68 -1.36
C MET A 271 -3.89 14.88 -2.01
N PRO A 272 -3.08 15.71 -2.69
CA PRO A 272 -3.67 16.76 -3.53
C PRO A 272 -4.55 16.15 -4.62
N TYR A 273 -5.49 16.94 -5.12
CA TYR A 273 -6.31 16.51 -6.26
C TYR A 273 -6.22 17.55 -7.36
N ASP A 274 -6.79 17.23 -8.52
CA ASP A 274 -6.85 18.18 -9.63
C ASP A 274 -7.91 19.23 -9.40
N ALA A 275 -7.49 20.50 -9.32
CA ALA A 275 -8.43 21.58 -9.02
C ALA A 275 -9.59 21.63 -10.01
N ASP A 276 -9.29 21.34 -11.28
CA ASP A 276 -10.26 21.45 -12.36
C ASP A 276 -11.24 20.26 -12.44
N ALA A 277 -10.88 19.15 -11.80
CA ALA A 277 -11.70 17.94 -11.88
C ALA A 277 -12.96 18.08 -11.04
N LYS A 278 -14.10 18.17 -11.71
CA LYS A 278 -15.37 18.30 -11.03
C LYS A 278 -15.67 17.00 -10.31
N ASP A 279 -16.23 17.11 -9.11
CA ASP A 279 -16.49 15.97 -8.23
C ASP A 279 -15.20 15.24 -7.80
N ALA A 280 -14.07 15.95 -7.78
CA ALA A 280 -12.88 15.44 -7.10
C ALA A 280 -12.74 16.19 -5.77
N PRO A 281 -12.18 15.55 -4.75
CA PRO A 281 -11.73 14.16 -4.75
C PRO A 281 -12.86 13.16 -4.64
N GLN A 282 -12.60 11.96 -5.14
CA GLN A 282 -13.56 10.86 -5.03
C GLN A 282 -13.18 10.02 -3.80
N ASN A 283 -12.34 9.01 -3.97
CA ASN A 283 -11.81 8.28 -2.83
C ASN A 283 -10.50 7.63 -3.18
N ALA A 284 -9.70 7.30 -2.17
CA ALA A 284 -8.40 6.67 -2.41
C ALA A 284 -8.59 5.15 -2.48
N ILE A 285 -7.67 4.47 -3.14
CA ILE A 285 -7.68 3.00 -3.12
C ILE A 285 -6.48 2.52 -2.28
N ILE A 286 -6.64 1.39 -1.62
CA ILE A 286 -5.64 0.99 -0.65
C ILE A 286 -4.32 0.58 -1.26
N GLY A 287 -3.27 0.74 -0.49
CA GLY A 287 -2.00 0.09 -0.79
C GLY A 287 -1.66 -0.82 0.38
N GLY A 288 -0.40 -1.18 0.47
CA GLY A 288 0.04 -2.05 1.53
C GLY A 288 0.05 -3.48 1.06
N ALA A 289 -0.37 -4.40 1.94
CA ALA A 289 -0.24 -5.82 1.67
C ALA A 289 -1.34 -6.62 2.37
N SER A 290 -1.33 -7.93 2.15
CA SER A 290 -2.13 -8.85 2.93
C SER A 290 -1.27 -10.07 3.22
N LEU A 291 -1.74 -10.94 4.10
CA LEU A 291 -0.96 -12.12 4.46
C LEU A 291 -1.48 -13.40 3.83
N TRP A 292 -0.65 -14.02 3.01
CA TRP A 292 -1.01 -15.25 2.34
C TRP A 292 -0.47 -16.44 3.10
N VAL A 293 -1.25 -17.53 3.11
CA VAL A 293 -0.83 -18.77 3.76
C VAL A 293 -0.48 -19.79 2.68
N MET A 294 0.71 -20.37 2.79
CA MET A 294 1.19 -21.23 1.73
C MET A 294 0.65 -22.65 1.86
N GLN A 295 0.45 -23.29 0.71
CA GLN A 295 -0.12 -24.62 0.63
C GLN A 295 0.94 -25.68 0.99
N GLY A 296 0.48 -26.85 1.42
CA GLY A 296 1.36 -28.00 1.62
C GLY A 296 1.95 -28.14 3.00
N LYS A 297 1.45 -27.35 3.95
CA LYS A 297 1.94 -27.45 5.35
C LYS A 297 1.17 -28.51 6.13
N ASP A 298 1.71 -28.89 7.29
CA ASP A 298 1.03 -29.85 8.15
C ASP A 298 -0.04 -29.19 9.01
N LYS A 299 -0.84 -30.02 9.69
CA LYS A 299 -2.01 -29.51 10.42
C LYS A 299 -1.61 -28.61 11.58
N GLU A 300 -0.50 -28.96 12.25
CA GLU A 300 0.03 -28.17 13.35
C GLU A 300 0.39 -26.77 12.89
N THR A 301 1.04 -26.68 11.73
CA THR A 301 1.40 -25.37 11.17
C THR A 301 0.14 -24.55 10.90
N TYR A 302 -0.88 -25.15 10.29
CA TYR A 302 -2.08 -24.38 9.98
C TYR A 302 -2.84 -23.97 11.23
N THR A 303 -2.80 -24.81 12.27
CA THR A 303 -3.41 -24.41 13.54
C THR A 303 -2.70 -23.18 14.11
N GLY A 304 -1.37 -23.21 14.08
CA GLY A 304 -0.58 -22.08 14.56
C GLY A 304 -0.80 -20.81 13.75
N VAL A 305 -0.92 -20.97 12.43
CA VAL A 305 -1.14 -19.84 11.56
C VAL A 305 -2.50 -19.22 11.87
N ALA A 306 -3.54 -20.05 11.99
CA ALA A 306 -4.87 -19.55 12.29
C ALA A 306 -4.86 -18.78 13.62
N LYS A 307 -4.18 -19.34 14.62
CA LYS A 307 -4.10 -18.69 15.93
C LYS A 307 -3.39 -17.35 15.85
N PHE A 308 -2.33 -17.28 15.04
CA PHE A 308 -1.57 -16.04 14.90
C PHE A 308 -2.36 -14.98 14.14
N LEU A 309 -3.02 -15.39 13.06
CA LEU A 309 -3.86 -14.46 12.31
C LEU A 309 -5.01 -13.97 13.18
N ASP A 310 -5.59 -14.85 14.00
CA ASP A 310 -6.65 -14.40 14.91
C ASP A 310 -6.11 -13.39 15.93
N PHE A 311 -4.90 -13.65 16.43
CA PHE A 311 -4.21 -12.75 17.36
C PHE A 311 -4.03 -11.35 16.73
N LEU A 312 -3.61 -11.31 15.47
CA LEU A 312 -3.35 -10.04 14.80
C LEU A 312 -4.65 -9.25 14.61
N ALA A 313 -5.78 -9.94 14.55
CA ALA A 313 -7.07 -9.30 14.29
C ALA A 313 -7.82 -8.88 15.56
N LYS A 314 -7.27 -9.20 16.73
CA LYS A 314 -7.90 -8.77 17.98
C LYS A 314 -7.88 -7.26 18.04
N PRO A 315 -8.96 -6.66 18.57
CA PRO A 315 -9.06 -5.18 18.55
C PRO A 315 -7.80 -4.50 19.07
N GLU A 316 -7.30 -4.91 20.22
CA GLU A 316 -6.13 -4.27 20.79
C GLU A 316 -4.90 -4.34 19.86
N ASN A 317 -4.74 -5.46 19.16
CA ASN A 317 -3.56 -5.62 18.30
C ASN A 317 -3.70 -4.92 16.95
N ALA A 318 -4.90 -4.96 16.38
CA ALA A 318 -5.16 -4.21 15.16
C ALA A 318 -5.07 -2.71 15.44
N ALA A 319 -5.54 -2.29 16.61
CA ALA A 319 -5.48 -0.88 16.99
C ALA A 319 -4.03 -0.46 17.20
N GLU A 320 -3.26 -1.28 17.89
CA GLU A 320 -1.85 -0.96 18.15
C GLU A 320 -1.05 -0.86 16.86
N TRP A 321 -1.26 -1.80 15.95
CA TRP A 321 -0.60 -1.75 14.64
C TRP A 321 -0.86 -0.42 13.93
N HIS A 322 -2.13 -0.05 13.83
CA HIS A 322 -2.53 1.22 13.19
C HIS A 322 -1.88 2.42 13.87
N GLN A 323 -2.00 2.49 15.20
CA GLN A 323 -1.48 3.63 15.94
C GLN A 323 0.03 3.78 15.82
N LYS A 324 0.76 2.68 15.91
CA LYS A 324 2.22 2.71 15.83
C LYS A 324 2.75 2.96 14.41
N THR A 325 2.05 2.46 13.40
CA THR A 325 2.64 2.43 12.05
C THR A 325 2.12 3.49 11.08
N GLY A 326 0.86 3.89 11.22
CA GLY A 326 0.25 4.78 10.25
C GLY A 326 -0.54 4.03 9.18
N TYR A 327 -0.40 2.72 9.12
CA TYR A 327 -1.33 1.91 8.35
C TYR A 327 -2.73 2.11 8.94
N LEU A 328 -3.77 2.00 8.12
CA LEU A 328 -5.11 2.32 8.60
C LEU A 328 -5.65 1.17 9.43
N PRO A 329 -6.57 1.45 10.37
CA PRO A 329 -7.12 0.34 11.17
C PRO A 329 -8.02 -0.50 10.28
N ILE A 330 -7.74 -1.80 10.18
CA ILE A 330 -8.48 -2.62 9.22
C ILE A 330 -9.65 -3.41 9.80
N THR A 331 -9.88 -3.29 11.10
CA THR A 331 -11.13 -3.81 11.65
C THR A 331 -11.95 -2.65 12.19
N LYS A 332 -13.27 -2.83 12.20
CA LYS A 332 -14.16 -1.82 12.74
C LYS A 332 -13.87 -1.60 14.21
N ALA A 333 -13.64 -2.68 14.95
CA ALA A 333 -13.33 -2.58 16.37
C ALA A 333 -12.03 -1.80 16.64
N ALA A 334 -11.01 -1.99 15.80
CA ALA A 334 -9.75 -1.27 15.99
C ALA A 334 -9.93 0.23 15.76
N TYR A 335 -10.73 0.59 14.77
CA TYR A 335 -11.02 2.00 14.52
C TYR A 335 -11.73 2.61 15.72
N ASP A 336 -12.80 1.96 16.19
CA ASP A 336 -13.58 2.46 17.31
C ASP A 336 -12.74 2.56 18.58
N LEU A 337 -11.88 1.57 18.80
CA LEU A 337 -11.06 1.53 19.99
C LEU A 337 -10.08 2.70 20.00
N THR A 338 -9.51 2.98 18.84
CA THR A 338 -8.56 4.08 18.70
C THR A 338 -9.25 5.42 18.95
N ARG A 339 -10.42 5.59 18.36
CA ARG A 339 -11.20 6.81 18.56
C ARG A 339 -11.57 6.97 20.03
N GLU A 340 -12.00 5.88 20.66
CA GLU A 340 -12.53 5.96 22.03
C GLU A 340 -11.42 6.12 23.08
N GLN A 341 -10.19 5.78 22.70
CA GLN A 341 -9.03 6.04 23.54
C GLN A 341 -8.54 7.49 23.41
N GLY A 342 -9.22 8.28 22.59
CA GLY A 342 -8.86 9.68 22.40
C GLY A 342 -7.66 9.91 21.51
N PHE A 343 -7.23 8.88 20.78
CA PHE A 343 -6.05 8.98 19.93
C PHE A 343 -6.18 10.03 18.84
N TYR A 344 -7.36 10.12 18.22
CA TYR A 344 -7.56 11.09 17.14
C TYR A 344 -7.71 12.51 17.71
N GLU A 345 -8.21 12.63 18.93
CA GLU A 345 -8.24 13.92 19.63
C GLU A 345 -6.81 14.43 19.84
N LYS A 346 -5.95 13.55 20.35
CA LYS A 346 -4.55 13.87 20.58
C LYS A 346 -3.78 14.04 19.28
N ASN A 347 -4.10 13.21 18.29
CA ASN A 347 -3.38 13.24 17.02
C ASN A 347 -4.31 13.45 15.83
N PRO A 348 -4.67 14.73 15.56
CA PRO A 348 -5.70 15.14 14.61
C PRO A 348 -5.58 14.51 13.21
N GLY A 349 -4.36 14.46 12.68
CA GLY A 349 -4.16 13.94 11.33
C GLY A 349 -4.04 12.43 11.23
N ALA A 350 -4.14 11.72 12.35
CA ALA A 350 -3.88 10.28 12.36
C ALA A 350 -4.97 9.44 11.70
N ASP A 351 -6.14 10.03 11.41
CA ASP A 351 -7.15 9.26 10.69
C ASP A 351 -7.30 9.68 9.23
N THR A 352 -6.29 10.39 8.72
CA THR A 352 -6.33 10.86 7.34
C THR A 352 -6.46 9.71 6.35
N ALA A 353 -5.73 8.63 6.60
CA ALA A 353 -5.70 7.53 5.64
C ALA A 353 -7.09 6.90 5.50
N THR A 354 -7.75 6.66 6.61
CA THR A 354 -9.13 6.19 6.62
C THR A 354 -10.08 7.17 5.92
N ARG A 355 -9.92 8.45 6.23
CA ARG A 355 -10.83 9.47 5.68
C ARG A 355 -10.72 9.53 4.17
N GLN A 356 -9.53 9.31 3.63
CA GLN A 356 -9.35 9.33 2.18
C GLN A 356 -10.01 8.11 1.53
N MET A 357 -9.81 6.95 2.13
CA MET A 357 -10.45 5.70 1.67
C MET A 357 -11.97 5.84 1.62
N LEU A 358 -12.53 6.57 2.60
CA LEU A 358 -13.97 6.68 2.78
C LEU A 358 -14.50 8.08 2.48
N ASN A 359 -13.74 8.86 1.71
CA ASN A 359 -14.11 10.25 1.48
C ASN A 359 -15.50 10.38 0.88
N LYS A 360 -15.79 9.49 -0.06
CA LYS A 360 -17.10 9.38 -0.69
C LYS A 360 -17.32 7.91 -0.96
N PRO A 361 -18.59 7.48 -1.03
CA PRO A 361 -18.85 6.09 -1.43
C PRO A 361 -18.23 5.83 -2.80
N PRO A 362 -17.67 4.63 -2.99
CA PRO A 362 -16.89 4.41 -4.21
C PRO A 362 -17.74 4.43 -5.47
N LEU A 363 -17.13 4.86 -6.57
CA LEU A 363 -17.69 4.62 -7.89
C LEU A 363 -17.47 3.14 -8.20
N PRO A 364 -18.12 2.61 -9.25
CA PRO A 364 -17.92 1.17 -9.51
C PRO A 364 -16.45 0.80 -9.74
N PHE A 365 -15.66 1.77 -10.20
CA PHE A 365 -14.25 1.53 -10.54
C PHE A 365 -13.26 2.16 -9.56
N THR A 366 -13.71 2.56 -8.38
CA THR A 366 -12.77 3.09 -7.39
C THR A 366 -12.73 2.25 -6.11
N LYS A 367 -12.99 0.95 -6.23
CA LYS A 367 -13.01 0.09 -5.04
C LYS A 367 -11.65 -0.54 -4.70
N GLY A 368 -10.70 -0.39 -5.62
CA GLY A 368 -9.40 -1.04 -5.46
C GLY A 368 -8.94 -1.39 -6.84
N LEU A 369 -8.05 -2.37 -6.95
CA LEU A 369 -7.78 -2.95 -8.25
C LEU A 369 -7.55 -4.44 -8.11
N ARG A 370 -7.73 -5.16 -9.21
CA ARG A 370 -7.40 -6.58 -9.22
C ARG A 370 -6.96 -6.95 -10.63
N LEU A 371 -5.66 -7.07 -10.83
CA LEU A 371 -5.11 -7.30 -12.15
C LEU A 371 -4.00 -8.32 -12.07
N GLY A 372 -4.12 -9.38 -12.86
CA GLY A 372 -3.07 -10.39 -12.90
C GLY A 372 -1.81 -9.79 -13.46
N ASN A 373 -0.66 -10.29 -13.03
CA ASN A 373 0.63 -9.80 -13.51
C ASN A 373 0.89 -8.33 -13.21
N MET A 374 0.11 -7.76 -12.29
CA MET A 374 0.35 -6.39 -11.87
C MET A 374 1.77 -6.13 -11.29
N PRO A 375 2.37 -7.12 -10.59
CA PRO A 375 3.76 -6.86 -10.19
C PRO A 375 4.68 -6.53 -11.37
N GLN A 376 4.52 -7.21 -12.51
CA GLN A 376 5.32 -6.86 -13.67
C GLN A 376 4.83 -5.58 -14.35
N ILE A 377 3.52 -5.34 -14.32
CA ILE A 377 3.01 -4.09 -14.90
C ILE A 377 3.53 -2.88 -14.13
N ARG A 378 3.65 -3.02 -12.80
CA ARG A 378 4.29 -1.97 -11.99
C ARG A 378 5.69 -1.65 -12.51
N VAL A 379 6.46 -2.68 -12.90
CA VAL A 379 7.80 -2.45 -13.37
C VAL A 379 7.79 -1.71 -14.71
N ILE A 380 6.90 -2.15 -15.61
CA ILE A 380 6.67 -1.45 -16.89
C ILE A 380 6.32 0.01 -16.66
N VAL A 381 5.38 0.26 -15.74
CA VAL A 381 5.03 1.64 -15.39
C VAL A 381 6.23 2.44 -14.87
N ASP A 382 7.02 1.85 -13.97
CA ASP A 382 8.22 2.52 -13.44
C ASP A 382 9.21 2.87 -14.57
N GLU A 383 9.42 1.93 -15.48
CA GLU A 383 10.35 2.15 -16.60
C GLU A 383 9.87 3.29 -17.50
N GLU A 384 8.58 3.32 -17.78
CA GLU A 384 8.04 4.35 -18.66
C GLU A 384 8.04 5.72 -18.00
N LEU A 385 7.69 5.78 -16.71
CA LEU A 385 7.76 7.06 -16.00
C LEU A 385 9.23 7.55 -15.91
N GLU A 386 10.17 6.63 -15.72
CA GLU A 386 11.57 7.01 -15.67
C GLU A 386 12.01 7.62 -17.00
N SER A 387 11.41 7.18 -18.11
CA SER A 387 11.74 7.74 -19.40
CA SER A 387 11.70 7.73 -19.42
C SER A 387 11.17 9.15 -19.54
N VAL A 388 10.17 9.49 -18.73
CA VAL A 388 9.68 10.87 -18.72
C VAL A 388 10.67 11.76 -17.96
N TRP A 389 11.09 11.32 -16.78
CA TRP A 389 11.97 12.13 -15.94
C TRP A 389 13.32 12.42 -16.60
N THR A 390 13.79 11.50 -17.45
CA THR A 390 15.04 11.70 -18.20
C THR A 390 14.84 12.49 -19.49
N GLY A 391 13.57 12.78 -19.82
CA GLY A 391 13.27 13.51 -21.04
C GLY A 391 13.29 12.68 -22.30
N LYS A 392 13.40 11.35 -22.18
CA LYS A 392 13.45 10.50 -23.36
C LYS A 392 12.11 10.38 -24.08
N LYS A 393 11.02 10.47 -23.32
CA LYS A 393 9.68 10.35 -23.88
C LYS A 393 8.75 11.41 -23.30
N THR A 394 7.74 11.80 -24.07
CA THR A 394 6.71 12.70 -23.56
C THR A 394 5.82 11.93 -22.60
N PRO A 395 5.09 12.66 -21.73
CA PRO A 395 4.10 11.99 -20.88
C PRO A 395 3.09 11.16 -21.67
N GLN A 396 2.60 11.66 -22.80
CA GLN A 396 1.67 10.88 -23.63
C GLN A 396 2.28 9.57 -24.13
N GLN A 397 3.51 9.65 -24.64
CA GLN A 397 4.18 8.48 -25.19
C GLN A 397 4.43 7.43 -24.11
N ALA A 398 4.87 7.88 -22.94
CA ALA A 398 5.21 6.96 -21.87
C ALA A 398 3.97 6.21 -21.38
N LEU A 399 2.88 6.95 -21.16
CA LEU A 399 1.66 6.31 -20.69
C LEU A 399 1.04 5.40 -21.76
N ASP A 400 1.09 5.81 -23.03
CA ASP A 400 0.62 4.95 -24.13
C ASP A 400 1.43 3.66 -24.20
N THR A 401 2.74 3.77 -24.05
CA THR A 401 3.60 2.59 -24.08
C THR A 401 3.36 1.68 -22.86
N ALA A 402 3.21 2.27 -21.68
CA ALA A 402 2.94 1.47 -20.48
C ALA A 402 1.62 0.70 -20.63
N VAL A 403 0.62 1.35 -21.21
CA VAL A 403 -0.66 0.68 -21.49
C VAL A 403 -0.48 -0.45 -22.50
N GLU A 404 0.23 -0.20 -23.59
CA GLU A 404 0.44 -1.25 -24.59
C GLU A 404 1.23 -2.44 -24.03
N ARG A 405 2.33 -2.15 -23.36
CA ARG A 405 3.14 -3.21 -22.75
C ARG A 405 2.35 -3.92 -21.64
N GLY A 406 1.70 -3.13 -20.80
CA GLY A 406 0.93 -3.69 -19.70
C GLY A 406 -0.22 -4.57 -20.16
N ASN A 407 -0.91 -4.16 -21.22
CA ASN A 407 -1.99 -4.97 -21.74
C ASN A 407 -1.51 -6.33 -22.20
N GLN A 408 -0.26 -6.40 -22.68
CA GLN A 408 0.30 -7.66 -23.16
C GLN A 408 0.40 -8.64 -21.99
N LEU A 409 0.72 -8.11 -20.81
CA LEU A 409 0.83 -8.92 -19.60
C LEU A 409 -0.55 -9.35 -19.11
N LEU A 410 -1.54 -8.47 -19.26
CA LEU A 410 -2.92 -8.83 -18.89
C LEU A 410 -3.48 -9.94 -19.80
N ARG A 411 -3.15 -9.90 -21.08
CA ARG A 411 -3.60 -10.97 -21.98
C ARG A 411 -2.86 -12.28 -21.69
N ARG A 412 -1.61 -12.17 -21.28
CA ARG A 412 -0.82 -13.35 -20.90
C ARG A 412 -1.45 -14.04 -19.70
N PHE A 413 -1.81 -13.25 -18.69
CA PHE A 413 -2.47 -13.78 -17.50
C PHE A 413 -3.83 -14.37 -17.87
N GLU A 414 -4.57 -13.68 -18.71
CA GLU A 414 -5.90 -14.15 -19.11
C GLU A 414 -5.80 -15.54 -19.74
N LYS A 415 -4.87 -15.70 -20.67
CA LYS A 415 -4.66 -16.99 -21.34
C LYS A 415 -4.20 -18.08 -20.36
N SER A 416 -3.39 -17.69 -19.37
CA SER A 416 -2.86 -18.62 -18.38
C SER A 416 -3.92 -19.18 -17.44
N THR A 417 -4.94 -18.38 -17.16
CA THR A 417 -5.93 -18.72 -16.16
C THR A 417 -7.26 -19.15 -16.77
N LYS A 418 -7.27 -19.32 -18.09
CA LYS A 418 -8.44 -19.86 -18.78
C LYS A 418 -8.27 -21.37 -18.93
O1 G3P B . 2.43 -1.59 -3.81
C1 G3P B . 2.84 -1.05 -2.58
C2 G3P B . 2.20 0.25 -2.17
O2 G3P B . 0.85 0.07 -1.94
C3 G3P B . 2.81 0.76 -0.89
O1P G3P B . 2.76 -0.13 0.20
O4P G3P B . 4.18 1.22 1.72
O2P G3P B . 3.07 -0.82 2.55
O3P G3P B . 1.72 1.23 2.04
P G3P B . 2.92 0.40 1.65
C1 GOL C . 7.78 -1.39 4.45
O1 GOL C . 9.07 -1.31 5.00
C2 GOL C . 7.83 -1.19 2.94
O2 GOL C . 7.47 -2.41 2.30
C3 GOL C . 6.82 -0.10 2.63
O3 GOL C . 6.64 0.05 1.24
C1 GOL D . -14.59 -4.48 -4.22
O1 GOL D . -14.60 -4.59 -2.82
C2 GOL D . -15.25 -5.68 -4.89
O2 GOL D . -16.15 -6.34 -4.03
C3 GOL D . -15.98 -5.21 -6.14
O3 GOL D . -16.31 -6.33 -6.93
CD CD E . 0.90 -27.23 24.82
CO CO F . 6.18 -35.00 20.22
MG MG G . 1.75 -15.05 -17.15
#